data_5ITO
#
_entry.id   5ITO
#
_cell.length_a   113.590
_cell.length_b   113.590
_cell.length_c   37.890
_cell.angle_alpha   90.00
_cell.angle_beta   90.00
_cell.angle_gamma   120.00
#
_symmetry.space_group_name_H-M   'P 32'
#
loop_
_entity.id
_entity.type
_entity.pdbx_description
1 polymer 'Nopaline-binding periplasmic protein'
2 non-polymer DI(HYDROXYETHYL)ETHER
3 non-polymer 1,2-ETHANEDIOL
4 non-polymer 'PENTAETHYLENE GLYCOL'
5 non-polymer octopine
6 non-polymer 2-[2-(2-METHOXY-ETHOXY)-ETHOXY]-ETHOXYL
7 water water
#
_entity_poly.entity_id   1
_entity_poly.type   'polypeptide(L)'
_entity_poly.pdbx_seq_one_letter_code
;MKDYKSITIATEGSYAPYNFKDAGGKLIGFDIDLGNDLCKRMNIECKFVEQAWDGIIPSLTAGRYDAIMAAMGIQPAREK
VIAFSRPYLLTPNTFLTTADSPLLKTQVAIENLPLDNITPEQKAELDKFTKIFEGVKFGVQAGTSHEAFMKQMMPSVQIS
TYDTIDNVVMDLKAGRIDASLASVSFLKPLTDKPDNKDLKMFGPRMTGGLFGKGVGVGIRKEDADLKALFDKAIDAAIAD
GTVQKLSQQWFGYDASPKQHHHHHH
;
_entity_poly.pdbx_strand_id   A,B
#
# COMPACT_ATOMS: atom_id res chain seq x y z
N ASP A 3 -40.24 -1.08 -1.24
CA ASP A 3 -39.87 -2.04 -0.20
C ASP A 3 -38.57 -1.61 0.53
N TYR A 4 -37.42 -1.60 -0.19
CA TYR A 4 -36.13 -1.21 0.37
C TYR A 4 -35.84 0.28 0.16
N LYS A 5 -35.41 0.96 1.24
CA LYS A 5 -35.03 2.36 1.24
C LYS A 5 -33.54 2.47 1.63
N SER A 6 -33.10 1.63 2.58
CA SER A 6 -31.74 1.57 3.10
C SER A 6 -31.33 0.14 3.46
N ILE A 7 -30.06 -0.22 3.21
CA ILE A 7 -29.51 -1.53 3.59
C ILE A 7 -28.17 -1.37 4.29
N THR A 8 -27.85 -2.36 5.14
CA THR A 8 -26.58 -2.44 5.85
C THR A 8 -25.79 -3.58 5.20
N ILE A 9 -24.58 -3.26 4.70
CA ILE A 9 -23.68 -4.24 4.09
C ILE A 9 -22.51 -4.48 5.01
N ALA A 10 -22.23 -5.76 5.32
CA ALA A 10 -21.08 -6.12 6.15
C ALA A 10 -19.86 -6.45 5.33
N THR A 11 -18.73 -6.01 5.82
CA THR A 11 -17.43 -6.26 5.24
C THR A 11 -16.45 -6.58 6.36
N GLU A 12 -15.34 -7.26 6.02
CA GLU A 12 -14.37 -7.64 7.02
C GLU A 12 -13.45 -6.49 7.41
N GLY A 13 -12.79 -5.88 6.43
CA GLY A 13 -11.86 -4.77 6.65
C GLY A 13 -10.42 -5.22 6.80
N SER A 14 -10.10 -6.48 6.43
CA SER A 14 -8.77 -7.11 6.54
C SER A 14 -8.40 -7.90 5.29
N TYR A 15 -8.94 -7.52 4.11
CA TYR A 15 -8.67 -8.24 2.87
C TYR A 15 -8.42 -7.30 1.70
N ALA A 16 -7.24 -6.64 1.68
CA ALA A 16 -6.84 -5.72 0.63
C ALA A 16 -6.61 -6.47 -0.69
N PRO A 17 -7.04 -5.92 -1.85
CA PRO A 17 -7.66 -4.59 -2.06
C PRO A 17 -9.19 -4.60 -2.11
N TYR A 18 -9.81 -5.71 -1.71
CA TYR A 18 -11.26 -5.86 -1.70
C TYR A 18 -11.94 -4.98 -0.65
N ASN A 19 -11.48 -5.12 0.61
CA ASN A 19 -12.00 -4.46 1.79
C ASN A 19 -10.92 -4.36 2.85
N PHE A 20 -10.59 -3.14 3.26
CA PHE A 20 -9.54 -2.87 4.25
C PHE A 20 -9.74 -1.48 4.84
N LYS A 21 -8.81 -1.05 5.69
CA LYS A 21 -8.91 0.26 6.34
C LYS A 21 -7.82 1.22 5.87
N ASP A 22 -8.20 2.48 5.60
CA ASP A 22 -7.25 3.51 5.23
C ASP A 22 -6.54 4.09 6.49
N ALA A 23 -5.73 5.16 6.35
CA ALA A 23 -5.00 5.79 7.46
C ALA A 23 -5.90 6.33 8.58
N GLY A 24 -7.10 6.79 8.22
CA GLY A 24 -8.10 7.30 9.16
C GLY A 24 -9.04 6.24 9.72
N GLY A 25 -8.77 4.97 9.38
CA GLY A 25 -9.55 3.83 9.84
C GLY A 25 -10.87 3.58 9.14
N LYS A 26 -11.10 4.28 8.01
CA LYS A 26 -12.32 4.15 7.21
C LYS A 26 -12.23 2.92 6.29
N LEU A 27 -13.38 2.20 6.12
CA LEU A 27 -13.49 1.03 5.24
C LEU A 27 -13.39 1.50 3.79
N ILE A 28 -12.44 0.91 3.04
CA ILE A 28 -12.14 1.24 1.65
C ILE A 28 -11.93 -0.05 0.89
N GLY A 29 -11.88 0.05 -0.44
CA GLY A 29 -11.65 -1.11 -1.29
C GLY A 29 -12.65 -1.30 -2.39
N PHE A 30 -12.38 -2.29 -3.24
CA PHE A 30 -13.21 -2.69 -4.37
C PHE A 30 -14.65 -2.98 -3.95
N ASP A 31 -14.86 -3.77 -2.86
CA ASP A 31 -16.20 -4.13 -2.36
C ASP A 31 -16.99 -2.89 -1.90
N ILE A 32 -16.30 -1.93 -1.29
CA ILE A 32 -16.89 -0.67 -0.80
C ILE A 32 -17.35 0.19 -1.98
N ASP A 33 -16.46 0.39 -2.97
CA ASP A 33 -16.75 1.16 -4.19
C ASP A 33 -17.84 0.49 -5.00
N LEU A 34 -17.77 -0.84 -5.19
CA LEU A 34 -18.78 -1.57 -5.95
C LEU A 34 -20.13 -1.53 -5.25
N GLY A 35 -20.13 -1.84 -3.95
CA GLY A 35 -21.31 -1.80 -3.09
C GLY A 35 -22.08 -0.49 -3.18
N ASN A 36 -21.35 0.65 -3.03
CA ASN A 36 -21.93 2.01 -3.14
C ASN A 36 -22.52 2.27 -4.54
N ASP A 37 -21.79 1.85 -5.61
CA ASP A 37 -22.22 1.99 -7.00
C ASP A 37 -23.49 1.18 -7.24
N LEU A 38 -23.53 -0.09 -6.79
CA LEU A 38 -24.68 -0.99 -6.93
C LEU A 38 -25.92 -0.42 -6.26
N CYS A 39 -25.77 0.11 -5.02
CA CYS A 39 -26.86 0.71 -4.25
C CYS A 39 -27.42 1.97 -4.91
N LYS A 40 -26.57 2.78 -5.56
CA LYS A 40 -27.02 3.96 -6.34
C LYS A 40 -27.93 3.52 -7.50
N ARG A 41 -27.53 2.44 -8.21
CA ARG A 41 -28.27 1.82 -9.31
C ARG A 41 -29.62 1.26 -8.81
N MET A 42 -29.65 0.69 -7.56
CA MET A 42 -30.84 0.11 -6.93
C MET A 42 -31.74 1.18 -6.29
N ASN A 43 -31.24 2.43 -6.20
CA ASN A 43 -31.92 3.57 -5.60
C ASN A 43 -32.23 3.35 -4.10
N ILE A 44 -31.21 2.85 -3.38
CA ILE A 44 -31.24 2.56 -1.93
C ILE A 44 -30.00 3.15 -1.25
N GLU A 45 -30.13 3.54 0.03
CA GLU A 45 -29.04 4.10 0.83
C GLU A 45 -28.14 2.97 1.32
N CYS A 46 -26.84 3.15 1.15
CA CYS A 46 -25.80 2.20 1.48
C CYS A 46 -25.08 2.56 2.76
N LYS A 47 -24.94 1.57 3.67
CA LYS A 47 -24.24 1.71 4.94
C LYS A 47 -23.34 0.47 5.15
N PHE A 48 -22.01 0.68 5.12
CA PHE A 48 -21.05 -0.39 5.35
C PHE A 48 -20.70 -0.50 6.82
N VAL A 49 -20.64 -1.73 7.33
CA VAL A 49 -20.29 -2.09 8.71
C VAL A 49 -19.14 -3.09 8.74
N GLU A 50 -18.35 -3.04 9.79
CA GLU A 50 -17.22 -3.91 10.00
C GLU A 50 -17.70 -5.16 10.77
N GLN A 51 -17.28 -6.34 10.28
CA GLN A 51 -17.62 -7.63 10.84
C GLN A 51 -16.46 -8.58 10.64
N ALA A 52 -16.01 -9.25 11.71
CA ALA A 52 -14.93 -10.22 11.63
C ALA A 52 -15.40 -11.38 10.74
N TRP A 53 -14.49 -11.90 9.91
CA TRP A 53 -14.74 -13.03 8.97
C TRP A 53 -15.36 -14.23 9.70
N ASP A 54 -14.90 -14.51 10.92
CA ASP A 54 -15.43 -15.54 11.80
C ASP A 54 -16.82 -15.05 12.32
N GLY A 55 -17.91 -15.56 11.76
CA GLY A 55 -19.24 -15.12 12.18
C GLY A 55 -19.94 -14.17 11.25
N ILE A 56 -19.32 -13.86 10.08
CA ILE A 56 -19.91 -13.00 9.03
C ILE A 56 -21.22 -13.63 8.47
N ILE A 57 -21.24 -14.95 8.27
CA ILE A 57 -22.42 -15.66 7.76
C ILE A 57 -23.54 -15.76 8.82
N PRO A 58 -23.30 -16.30 10.05
CA PRO A 58 -24.38 -16.34 11.05
C PRO A 58 -24.94 -14.97 11.46
N SER A 59 -24.13 -13.88 11.38
CA SER A 59 -24.62 -12.53 11.68
C SER A 59 -25.55 -12.01 10.58
N LEU A 60 -25.38 -12.52 9.35
CA LEU A 60 -26.29 -12.19 8.24
C LEU A 60 -27.62 -12.90 8.47
N THR A 61 -27.58 -14.20 8.79
CA THR A 61 -28.78 -15.03 9.02
C THR A 61 -29.54 -14.62 10.28
N ALA A 62 -28.84 -14.04 11.27
CA ALA A 62 -29.45 -13.54 12.51
C ALA A 62 -30.02 -12.11 12.36
N GLY A 63 -29.85 -11.50 11.17
CA GLY A 63 -30.36 -10.17 10.87
C GLY A 63 -29.61 -8.98 11.45
N ARG A 64 -28.28 -9.12 11.67
CA ARG A 64 -27.47 -8.00 12.18
C ARG A 64 -27.27 -6.98 11.05
N TYR A 65 -27.34 -7.45 9.78
CA TYR A 65 -27.23 -6.63 8.57
C TYR A 65 -27.95 -7.35 7.40
N ASP A 66 -27.98 -6.71 6.21
CA ASP A 66 -28.73 -7.22 5.04
C ASP A 66 -27.95 -7.93 3.95
N ALA A 67 -26.64 -7.67 3.86
CA ALA A 67 -25.81 -8.26 2.81
C ALA A 67 -24.34 -8.35 3.21
N ILE A 68 -23.61 -9.23 2.52
CA ILE A 68 -22.17 -9.41 2.71
C ILE A 68 -21.45 -9.06 1.42
N MET A 69 -20.48 -8.14 1.51
CA MET A 69 -19.56 -7.82 0.41
C MET A 69 -18.21 -7.84 1.03
N ALA A 70 -17.58 -9.03 1.07
CA ALA A 70 -16.31 -9.25 1.75
C ALA A 70 -15.42 -10.27 1.05
N ALA A 71 -15.22 -10.12 -0.29
CA ALA A 71 -14.41 -11.03 -1.13
C ALA A 71 -14.91 -12.48 -1.01
N MET A 72 -16.22 -12.64 -0.80
CA MET A 72 -16.80 -13.96 -0.57
C MET A 72 -17.14 -14.73 -1.82
N GLY A 73 -16.48 -15.86 -2.01
CA GLY A 73 -16.74 -16.74 -3.12
C GLY A 73 -18.09 -17.43 -3.02
N ILE A 74 -18.77 -17.61 -4.16
CA ILE A 74 -20.05 -18.33 -4.26
C ILE A 74 -19.65 -19.81 -4.23
N GLN A 75 -19.61 -20.34 -3.01
CA GLN A 75 -19.15 -21.68 -2.66
C GLN A 75 -20.33 -22.59 -2.34
N PRO A 76 -20.32 -23.90 -2.76
CA PRO A 76 -21.48 -24.78 -2.51
C PRO A 76 -21.86 -25.00 -1.05
N ALA A 77 -20.87 -25.04 -0.18
CA ALA A 77 -21.03 -25.20 1.24
C ALA A 77 -21.67 -23.91 1.83
N ARG A 78 -21.33 -22.73 1.28
CA ARG A 78 -21.96 -21.46 1.68
C ARG A 78 -23.43 -21.36 1.19
N GLU A 79 -23.69 -21.85 -0.05
CA GLU A 79 -25.00 -21.87 -0.72
C GLU A 79 -26.03 -22.69 0.06
N LYS A 80 -25.57 -23.55 0.97
CA LYS A 80 -26.41 -24.35 1.85
C LYS A 80 -27.02 -23.49 2.95
N VAL A 81 -26.35 -22.39 3.29
CA VAL A 81 -26.70 -21.52 4.40
C VAL A 81 -27.32 -20.19 3.93
N ILE A 82 -26.73 -19.56 2.91
CA ILE A 82 -27.18 -18.26 2.41
C ILE A 82 -27.37 -18.29 0.87
N ALA A 83 -27.94 -17.21 0.34
CA ALA A 83 -28.08 -17.03 -1.09
C ALA A 83 -26.97 -16.07 -1.60
N PHE A 84 -26.74 -16.04 -2.92
CA PHE A 84 -25.76 -15.13 -3.50
C PHE A 84 -26.32 -14.48 -4.73
N SER A 85 -25.82 -13.27 -4.98
CA SER A 85 -26.07 -12.55 -6.22
C SER A 85 -25.31 -13.32 -7.34
N ARG A 86 -25.52 -12.95 -8.60
CA ARG A 86 -24.67 -13.48 -9.67
C ARG A 86 -23.21 -12.95 -9.40
N PRO A 87 -22.13 -13.62 -9.83
CA PRO A 87 -20.79 -13.10 -9.47
C PRO A 87 -20.47 -11.70 -9.99
N TYR A 88 -19.74 -10.90 -9.19
CA TYR A 88 -19.31 -9.58 -9.62
C TYR A 88 -17.84 -9.56 -9.97
N LEU A 89 -17.14 -10.65 -9.71
CA LEU A 89 -15.72 -10.82 -10.03
C LEU A 89 -15.44 -12.33 -10.16
N LEU A 90 -14.54 -12.70 -11.08
CA LEU A 90 -14.13 -14.08 -11.32
C LEU A 90 -12.62 -14.11 -11.30
N THR A 91 -12.04 -15.03 -10.54
CA THR A 91 -10.59 -15.11 -10.37
C THR A 91 -10.13 -16.57 -10.09
N PRO A 92 -9.00 -17.03 -10.67
CA PRO A 92 -8.48 -18.33 -10.28
C PRO A 92 -7.76 -18.23 -8.92
N ASN A 93 -7.33 -19.37 -8.39
CA ASN A 93 -6.66 -19.49 -7.10
C ASN A 93 -5.32 -20.14 -7.30
N THR A 94 -4.30 -19.61 -6.61
CA THR A 94 -2.95 -20.13 -6.77
C THR A 94 -2.14 -20.12 -5.47
N PHE A 95 -0.89 -20.65 -5.53
CA PHE A 95 -0.02 -20.73 -4.37
C PHE A 95 0.90 -19.53 -4.22
N LEU A 96 1.38 -19.31 -2.98
CA LEU A 96 2.28 -18.21 -2.62
C LEU A 96 3.44 -18.73 -1.79
N THR A 97 4.64 -18.25 -2.06
CA THR A 97 5.86 -18.60 -1.32
C THR A 97 6.83 -17.41 -1.35
N THR A 98 8.06 -17.62 -0.85
CA THR A 98 9.11 -16.59 -0.86
C THR A 98 9.90 -16.65 -2.16
N ALA A 99 10.52 -15.53 -2.56
CA ALA A 99 11.31 -15.39 -3.79
C ALA A 99 12.52 -16.34 -3.88
N ASP A 100 13.01 -16.83 -2.75
CA ASP A 100 14.17 -17.75 -2.70
C ASP A 100 13.77 -19.23 -2.53
N SER A 101 12.47 -19.54 -2.65
CA SER A 101 11.99 -20.89 -2.46
C SER A 101 12.24 -21.83 -3.65
N PRO A 102 12.78 -23.05 -3.41
CA PRO A 102 12.93 -24.03 -4.50
C PRO A 102 11.59 -24.49 -5.10
N LEU A 103 10.46 -24.21 -4.42
CA LEU A 103 9.11 -24.54 -4.90
C LEU A 103 8.83 -23.83 -6.21
N LEU A 104 9.51 -22.68 -6.44
CA LEU A 104 9.40 -21.85 -7.64
C LEU A 104 9.95 -22.52 -8.89
N LYS A 105 10.83 -23.53 -8.71
CA LYS A 105 11.45 -24.30 -9.79
C LYS A 105 10.53 -25.43 -10.29
N THR A 106 9.40 -25.68 -9.57
CA THR A 106 8.43 -26.72 -9.93
C THR A 106 7.75 -26.42 -11.23
N GLN A 107 7.76 -27.43 -12.10
CA GLN A 107 7.11 -27.38 -13.39
C GLN A 107 5.60 -27.45 -13.21
N VAL A 108 4.89 -26.59 -13.92
CA VAL A 108 3.44 -26.56 -13.92
C VAL A 108 2.99 -27.22 -15.24
N ALA A 109 2.39 -28.42 -15.16
CA ALA A 109 1.90 -29.15 -16.33
C ALA A 109 0.56 -28.59 -16.81
N ILE A 110 -0.29 -28.08 -15.89
CA ILE A 110 -1.61 -27.53 -16.22
C ILE A 110 -1.74 -26.15 -15.60
N GLU A 111 -1.50 -25.08 -16.39
CA GLU A 111 -1.56 -23.66 -15.94
C GLU A 111 -2.96 -23.27 -15.46
N ASN A 112 -3.98 -23.69 -16.19
CA ASN A 112 -5.36 -23.41 -15.85
C ASN A 112 -6.07 -24.73 -15.52
N LEU A 113 -6.21 -24.98 -14.23
CA LEU A 113 -6.76 -26.22 -13.66
C LEU A 113 -8.22 -26.12 -13.14
N PRO A 114 -9.25 -26.53 -13.93
CA PRO A 114 -10.63 -26.50 -13.39
C PRO A 114 -10.89 -27.71 -12.49
N LEU A 115 -11.58 -27.50 -11.35
CA LEU A 115 -11.81 -28.59 -10.39
C LEU A 115 -13.23 -29.18 -10.32
N ASP A 116 -14.09 -28.86 -11.31
CA ASP A 116 -15.49 -29.30 -11.42
C ASP A 116 -15.65 -30.76 -11.70
N ASN A 117 -14.79 -31.29 -12.58
CA ASN A 117 -14.81 -32.70 -12.95
C ASN A 117 -13.38 -33.19 -13.17
N ILE A 118 -12.69 -33.45 -12.03
CA ILE A 118 -11.26 -33.81 -11.97
C ILE A 118 -10.94 -35.09 -12.72
N THR A 119 -10.19 -34.97 -13.82
CA THR A 119 -9.82 -36.12 -14.64
C THR A 119 -8.58 -36.79 -14.02
N PRO A 120 -8.20 -38.04 -14.42
CA PRO A 120 -6.97 -38.64 -13.88
C PRO A 120 -5.73 -37.77 -14.12
N GLU A 121 -5.73 -37.00 -15.23
CA GLU A 121 -4.65 -36.09 -15.63
C GLU A 121 -4.55 -34.92 -14.62
N GLN A 122 -5.70 -34.35 -14.28
CA GLN A 122 -5.82 -33.25 -13.34
C GLN A 122 -5.49 -33.71 -11.93
N LYS A 123 -5.93 -34.93 -11.55
CA LYS A 123 -5.63 -35.52 -10.24
C LYS A 123 -4.10 -35.74 -10.09
N ALA A 124 -3.44 -36.20 -11.19
CA ALA A 124 -2.00 -36.40 -11.24
C ALA A 124 -1.23 -35.08 -10.97
N GLU A 125 -1.78 -33.95 -11.48
CA GLU A 125 -1.18 -32.64 -11.26
C GLU A 125 -1.33 -32.21 -9.79
N LEU A 126 -2.53 -32.39 -9.20
CA LEU A 126 -2.76 -32.08 -7.78
C LEU A 126 -1.87 -32.94 -6.91
N ASP A 127 -1.79 -34.24 -7.23
CA ASP A 127 -0.97 -35.23 -6.51
C ASP A 127 0.53 -34.91 -6.51
N LYS A 128 1.07 -34.38 -7.65
CA LYS A 128 2.46 -33.95 -7.82
C LYS A 128 2.78 -32.88 -6.76
N PHE A 129 1.96 -31.80 -6.72
CA PHE A 129 2.08 -30.68 -5.78
C PHE A 129 1.94 -31.13 -4.33
N THR A 130 0.99 -32.04 -4.03
CA THR A 130 0.79 -32.64 -2.70
C THR A 130 2.08 -33.30 -2.25
N LYS A 131 2.71 -34.07 -3.15
CA LYS A 131 3.97 -34.75 -2.90
C LYS A 131 5.15 -33.78 -2.72
N ILE A 132 5.17 -32.69 -3.51
CA ILE A 132 6.17 -31.61 -3.41
C ILE A 132 5.98 -30.84 -2.08
N PHE A 133 4.72 -30.70 -1.62
CA PHE A 133 4.35 -30.00 -0.38
C PHE A 133 4.60 -30.81 0.91
N GLU A 134 5.16 -32.02 0.77
CA GLU A 134 5.49 -32.82 1.95
C GLU A 134 6.68 -32.13 2.65
N GLY A 135 6.48 -31.84 3.94
CA GLY A 135 7.49 -31.15 4.72
C GLY A 135 7.40 -29.64 4.59
N VAL A 136 6.42 -29.14 3.86
CA VAL A 136 6.18 -27.71 3.63
C VAL A 136 5.04 -27.25 4.56
N LYS A 137 5.28 -26.20 5.33
CA LYS A 137 4.30 -25.66 6.26
C LYS A 137 3.39 -24.69 5.53
N PHE A 138 2.09 -25.00 5.48
CA PHE A 138 1.13 -24.11 4.84
C PHE A 138 0.38 -23.30 5.85
N GLY A 139 0.06 -22.08 5.46
CA GLY A 139 -0.78 -21.17 6.23
C GLY A 139 -1.90 -20.65 5.34
N VAL A 140 -3.15 -20.66 5.84
CA VAL A 140 -4.33 -20.15 5.12
C VAL A 140 -5.24 -19.43 6.13
N GLN A 141 -6.14 -18.55 5.65
CA GLN A 141 -7.10 -17.94 6.56
C GLN A 141 -8.18 -18.99 6.85
N ALA A 142 -8.68 -19.01 8.08
CA ALA A 142 -9.74 -19.93 8.52
C ALA A 142 -11.08 -19.56 7.85
N GLY A 143 -11.89 -20.58 7.57
CA GLY A 143 -13.23 -20.43 6.99
C GLY A 143 -13.24 -20.00 5.53
N THR A 144 -12.16 -20.30 4.80
CA THR A 144 -12.04 -19.94 3.40
C THR A 144 -12.12 -21.17 2.50
N SER A 145 -12.28 -20.94 1.19
CA SER A 145 -12.26 -21.98 0.16
C SER A 145 -10.85 -22.62 0.13
N HIS A 146 -9.84 -21.85 0.58
CA HIS A 146 -8.44 -22.24 0.64
C HIS A 146 -8.18 -23.28 1.71
N GLU A 147 -8.83 -23.12 2.87
CA GLU A 147 -8.75 -24.07 3.97
C GLU A 147 -9.49 -25.34 3.54
N ALA A 148 -10.68 -25.19 2.91
CA ALA A 148 -11.49 -26.32 2.42
C ALA A 148 -10.69 -27.13 1.39
N PHE A 149 -10.03 -26.44 0.41
CA PHE A 149 -9.20 -27.07 -0.60
C PHE A 149 -8.06 -27.85 0.05
N MET A 150 -7.30 -27.21 0.95
CA MET A 150 -6.18 -27.85 1.62
C MET A 150 -6.55 -29.07 2.43
N LYS A 151 -7.64 -29.01 3.19
CA LYS A 151 -8.08 -30.12 4.04
C LYS A 151 -8.67 -31.28 3.25
N GLN A 152 -9.32 -30.98 2.12
CA GLN A 152 -9.96 -31.98 1.28
C GLN A 152 -9.08 -32.52 0.15
N MET A 153 -8.37 -31.62 -0.56
CA MET A 153 -7.58 -31.99 -1.72
C MET A 153 -6.14 -32.39 -1.40
N MET A 154 -5.56 -31.78 -0.34
CA MET A 154 -4.18 -32.01 0.08
C MET A 154 -4.14 -32.33 1.60
N PRO A 155 -4.91 -33.34 2.12
CA PRO A 155 -4.95 -33.58 3.58
C PRO A 155 -3.64 -33.90 4.27
N SER A 156 -2.68 -34.54 3.53
CA SER A 156 -1.37 -34.93 4.04
C SER A 156 -0.46 -33.73 4.30
N VAL A 157 -0.86 -32.54 3.81
CA VAL A 157 -0.09 -31.31 3.95
C VAL A 157 -0.39 -30.62 5.26
N GLN A 158 0.67 -30.28 6.00
CA GLN A 158 0.57 -29.55 7.25
C GLN A 158 0.07 -28.13 6.98
N ILE A 159 -1.00 -27.79 7.67
CA ILE A 159 -1.68 -26.52 7.54
C ILE A 159 -2.00 -25.86 8.87
N SER A 160 -1.83 -24.54 8.94
CA SER A 160 -2.16 -23.69 10.07
C SER A 160 -3.22 -22.72 9.58
N THR A 161 -4.29 -22.53 10.36
CA THR A 161 -5.34 -21.59 9.98
C THR A 161 -5.21 -20.33 10.83
N TYR A 162 -5.47 -19.17 10.18
CA TYR A 162 -5.35 -17.84 10.79
C TYR A 162 -6.65 -17.11 10.78
N ASP A 163 -6.83 -16.19 11.72
CA ASP A 163 -8.03 -15.37 11.80
C ASP A 163 -8.09 -14.44 10.57
N THR A 164 -6.95 -13.80 10.22
CA THR A 164 -6.85 -12.90 9.06
C THR A 164 -5.75 -13.32 8.08
N ILE A 165 -5.86 -12.85 6.82
CA ILE A 165 -4.87 -13.05 5.78
C ILE A 165 -3.60 -12.23 6.05
N ASP A 166 -3.72 -11.14 6.85
CA ASP A 166 -2.58 -10.30 7.23
C ASP A 166 -1.60 -11.06 8.11
N ASN A 167 -2.11 -11.93 9.00
CA ASN A 167 -1.29 -12.78 9.89
C ASN A 167 -0.61 -13.89 9.12
N VAL A 168 -1.27 -14.40 8.05
CA VAL A 168 -0.70 -15.42 7.14
C VAL A 168 0.56 -14.81 6.49
N VAL A 169 0.40 -13.64 5.81
CA VAL A 169 1.45 -12.91 5.08
C VAL A 169 2.63 -12.59 6.00
N MET A 170 2.34 -12.15 7.25
CA MET A 170 3.29 -11.82 8.32
C MET A 170 4.14 -13.05 8.65
N ASP A 171 3.49 -14.19 8.89
CA ASP A 171 4.13 -15.47 9.18
C ASP A 171 4.95 -16.03 8.02
N LEU A 172 4.52 -15.74 6.77
CA LEU A 172 5.27 -16.13 5.58
C LEU A 172 6.55 -15.29 5.44
N LYS A 173 6.44 -13.96 5.62
CA LYS A 173 7.58 -13.04 5.57
C LYS A 173 8.56 -13.35 6.70
N ALA A 174 8.03 -13.70 7.91
CA ALA A 174 8.87 -14.04 9.08
C ALA A 174 9.53 -15.42 8.98
N GLY A 175 9.05 -16.27 8.09
CA GLY A 175 9.59 -17.62 7.91
C GLY A 175 8.99 -18.67 8.82
N ARG A 176 7.83 -18.37 9.45
CA ARG A 176 7.11 -19.27 10.36
C ARG A 176 6.32 -20.31 9.57
N ILE A 177 5.91 -19.97 8.34
CA ILE A 177 5.23 -20.83 7.37
C ILE A 177 6.01 -20.76 6.05
N ASP A 178 5.86 -21.79 5.19
CA ASP A 178 6.62 -21.88 3.93
C ASP A 178 5.84 -21.48 2.71
N ALA A 179 4.51 -21.60 2.76
CA ALA A 179 3.64 -21.29 1.63
C ALA A 179 2.21 -20.99 2.05
N SER A 180 1.46 -20.40 1.13
CA SER A 180 0.05 -20.12 1.32
C SER A 180 -0.71 -20.39 0.02
N LEU A 181 -2.03 -20.16 0.07
CA LEU A 181 -2.97 -20.31 -1.03
C LEU A 181 -4.07 -19.25 -0.85
N ALA A 182 -4.35 -18.51 -1.92
CA ALA A 182 -5.40 -17.49 -2.01
C ALA A 182 -5.69 -17.25 -3.51
N SER A 183 -6.67 -16.39 -3.85
CA SER A 183 -6.95 -16.13 -5.26
C SER A 183 -5.89 -15.21 -5.87
N VAL A 184 -5.82 -15.21 -7.21
CA VAL A 184 -4.95 -14.32 -7.99
C VAL A 184 -5.33 -12.85 -7.72
N SER A 185 -6.63 -12.55 -7.56
CA SER A 185 -7.12 -11.21 -7.23
C SER A 185 -6.54 -10.68 -5.91
N PHE A 186 -6.22 -11.57 -4.94
CA PHE A 186 -5.56 -11.13 -3.70
C PHE A 186 -4.01 -11.13 -3.86
N LEU A 187 -3.46 -12.21 -4.45
CA LEU A 187 -2.02 -12.42 -4.60
C LEU A 187 -1.30 -11.53 -5.59
N LYS A 188 -1.95 -11.20 -6.72
CA LYS A 188 -1.34 -10.32 -7.71
C LYS A 188 -1.08 -8.89 -7.16
N PRO A 189 -2.09 -8.13 -6.62
CA PRO A 189 -1.77 -6.81 -6.05
C PRO A 189 -0.76 -6.87 -4.89
N LEU A 190 -0.78 -7.98 -4.11
CA LEU A 190 0.16 -8.21 -3.01
C LEU A 190 1.60 -8.32 -3.54
N THR A 191 1.83 -9.19 -4.55
CA THR A 191 3.16 -9.45 -5.15
C THR A 191 3.61 -8.35 -6.11
N ASP A 192 2.70 -7.46 -6.56
CA ASP A 192 3.04 -6.33 -7.46
C ASP A 192 3.67 -5.19 -6.65
N LYS A 193 3.39 -5.16 -5.33
CA LYS A 193 3.91 -4.13 -4.42
C LYS A 193 5.41 -4.27 -4.30
N PRO A 194 6.21 -3.18 -4.43
CA PRO A 194 7.67 -3.31 -4.27
C PRO A 194 8.04 -3.82 -2.87
N ASP A 195 7.11 -3.60 -1.88
CA ASP A 195 7.15 -4.04 -0.48
C ASP A 195 7.30 -5.57 -0.38
N ASN A 196 6.67 -6.29 -1.33
CA ASN A 196 6.62 -7.73 -1.37
C ASN A 196 7.30 -8.35 -2.56
N LYS A 197 8.44 -7.80 -3.00
CA LYS A 197 9.18 -8.40 -4.12
C LYS A 197 9.91 -9.69 -3.70
N ASP A 198 9.89 -10.00 -2.39
CA ASP A 198 10.43 -11.20 -1.75
C ASP A 198 9.36 -12.33 -1.66
N LEU A 199 8.15 -12.08 -2.22
CA LEU A 199 7.04 -13.04 -2.27
C LEU A 199 6.66 -13.29 -3.74
N LYS A 200 6.42 -14.57 -4.10
CA LYS A 200 6.07 -14.95 -5.48
C LYS A 200 4.93 -15.94 -5.56
N MET A 201 4.07 -15.78 -6.58
CA MET A 201 2.97 -16.69 -6.88
C MET A 201 3.58 -17.86 -7.64
N PHE A 202 3.03 -19.08 -7.46
CA PHE A 202 3.46 -20.26 -8.23
C PHE A 202 2.37 -21.31 -8.32
N GLY A 203 2.53 -22.25 -9.24
CA GLY A 203 1.63 -23.38 -9.41
C GLY A 203 0.47 -23.16 -10.38
N PRO A 204 -0.46 -24.12 -10.45
CA PRO A 204 -1.61 -23.96 -11.35
C PRO A 204 -2.55 -22.89 -10.85
N ARG A 205 -3.34 -22.31 -11.76
CA ARG A 205 -4.36 -21.32 -11.46
C ARG A 205 -5.63 -22.14 -11.50
N MET A 206 -6.14 -22.47 -10.34
CA MET A 206 -7.29 -23.35 -10.14
C MET A 206 -8.61 -22.60 -10.04
N THR A 207 -9.67 -23.19 -10.64
CA THR A 207 -11.03 -22.66 -10.63
C THR A 207 -12.01 -23.78 -10.32
N GLY A 208 -13.23 -23.43 -9.94
CA GLY A 208 -14.28 -24.41 -9.67
C GLY A 208 -14.05 -25.30 -8.47
N GLY A 209 -14.87 -26.35 -8.38
CA GLY A 209 -14.84 -27.28 -7.27
C GLY A 209 -15.13 -26.56 -5.98
N LEU A 210 -14.25 -26.75 -5.00
CA LEU A 210 -14.30 -26.12 -3.67
C LEU A 210 -14.14 -24.59 -3.73
N PHE A 211 -13.51 -24.07 -4.80
CA PHE A 211 -13.32 -22.63 -4.97
C PHE A 211 -14.59 -21.88 -5.37
N GLY A 212 -15.60 -22.59 -5.86
CA GLY A 212 -16.90 -22.03 -6.23
C GLY A 212 -16.99 -21.38 -7.58
N LYS A 213 -18.04 -20.55 -7.75
CA LYS A 213 -18.45 -19.88 -9.00
C LYS A 213 -18.12 -18.39 -9.13
N GLY A 214 -17.23 -17.86 -8.30
CA GLY A 214 -16.85 -16.45 -8.35
C GLY A 214 -17.19 -15.69 -7.09
N VAL A 215 -16.93 -14.39 -7.05
CA VAL A 215 -17.20 -13.55 -5.88
C VAL A 215 -18.59 -12.92 -6.01
N GLY A 216 -19.43 -13.09 -4.98
CA GLY A 216 -20.80 -12.58 -4.98
C GLY A 216 -21.23 -11.93 -3.68
N VAL A 217 -22.39 -11.27 -3.72
CA VAL A 217 -23.01 -10.64 -2.55
C VAL A 217 -23.80 -11.73 -1.79
N GLY A 218 -23.50 -11.87 -0.50
CA GLY A 218 -24.18 -12.80 0.39
C GLY A 218 -25.46 -12.16 0.87
N ILE A 219 -26.60 -12.85 0.67
CA ILE A 219 -27.96 -12.39 1.01
C ILE A 219 -28.71 -13.56 1.69
N ARG A 220 -29.65 -13.27 2.60
CA ARG A 220 -30.46 -14.33 3.22
C ARG A 220 -31.29 -15.01 2.14
N LYS A 221 -31.46 -16.33 2.23
CA LYS A 221 -32.23 -17.11 1.26
C LYS A 221 -33.66 -16.56 1.02
N GLU A 222 -34.33 -16.12 2.09
CA GLU A 222 -35.70 -15.59 2.03
C GLU A 222 -35.80 -14.18 1.42
N ASP A 223 -34.66 -13.47 1.28
CA ASP A 223 -34.61 -12.14 0.68
C ASP A 223 -34.39 -12.21 -0.84
N ALA A 224 -35.37 -12.80 -1.53
CA ALA A 224 -35.41 -12.98 -2.99
C ALA A 224 -35.45 -11.64 -3.76
N ASP A 225 -36.20 -10.66 -3.26
CA ASP A 225 -36.32 -9.33 -3.87
C ASP A 225 -35.00 -8.57 -3.82
N LEU A 226 -34.26 -8.68 -2.69
CA LEU A 226 -32.97 -8.05 -2.52
C LEU A 226 -31.96 -8.68 -3.50
N LYS A 227 -31.96 -10.04 -3.63
CA LYS A 227 -31.09 -10.77 -4.57
C LYS A 227 -31.36 -10.31 -6.02
N ALA A 228 -32.65 -10.29 -6.44
CA ALA A 228 -33.11 -9.84 -7.76
C ALA A 228 -32.63 -8.41 -8.07
N LEU A 229 -32.66 -7.51 -7.06
CA LEU A 229 -32.20 -6.12 -7.16
C LEU A 229 -30.69 -6.07 -7.38
N PHE A 230 -29.93 -6.85 -6.59
CA PHE A 230 -28.47 -6.95 -6.70
C PHE A 230 -28.07 -7.53 -8.07
N ASP A 231 -28.76 -8.57 -8.53
CA ASP A 231 -28.51 -9.17 -9.85
C ASP A 231 -28.66 -8.19 -11.00
N LYS A 232 -29.74 -7.38 -10.98
CA LYS A 232 -30.03 -6.34 -11.97
C LYS A 232 -28.89 -5.33 -12.01
N ALA A 233 -28.50 -4.82 -10.82
CA ALA A 233 -27.44 -3.84 -10.63
C ALA A 233 -26.07 -4.39 -11.06
N ILE A 234 -25.75 -5.63 -10.68
CA ILE A 234 -24.47 -6.27 -11.04
C ILE A 234 -24.38 -6.47 -12.56
N ASP A 235 -25.47 -6.98 -13.19
CA ASP A 235 -25.56 -7.19 -14.65
C ASP A 235 -25.24 -5.89 -15.38
N ALA A 236 -25.81 -4.76 -14.92
CA ALA A 236 -25.61 -3.45 -15.52
C ALA A 236 -24.20 -2.89 -15.29
N ALA A 237 -23.64 -3.08 -14.08
CA ALA A 237 -22.29 -2.61 -13.74
C ALA A 237 -21.21 -3.35 -14.56
N ILE A 238 -21.46 -4.65 -14.87
CA ILE A 238 -20.58 -5.48 -15.72
C ILE A 238 -20.70 -4.98 -17.17
N ALA A 239 -21.96 -4.86 -17.67
CA ALA A 239 -22.27 -4.45 -19.04
C ALA A 239 -21.68 -3.10 -19.44
N ASP A 240 -21.72 -2.07 -18.56
CA ASP A 240 -21.21 -0.73 -18.88
C ASP A 240 -19.70 -0.51 -18.62
N GLY A 241 -19.00 -1.53 -18.15
CA GLY A 241 -17.58 -1.46 -17.86
C GLY A 241 -17.19 -0.91 -16.48
N THR A 242 -18.17 -0.69 -15.59
CA THR A 242 -17.89 -0.18 -14.23
C THR A 242 -17.04 -1.19 -13.44
N VAL A 243 -17.40 -2.49 -13.49
CA VAL A 243 -16.67 -3.53 -12.77
C VAL A 243 -15.24 -3.63 -13.28
N GLN A 244 -15.06 -3.54 -14.62
CA GLN A 244 -13.76 -3.56 -15.26
C GLN A 244 -12.91 -2.37 -14.78
N LYS A 245 -13.50 -1.17 -14.75
CA LYS A 245 -12.86 0.06 -14.28
C LYS A 245 -12.38 -0.07 -12.82
N LEU A 246 -13.26 -0.49 -11.91
CA LEU A 246 -12.96 -0.66 -10.49
C LEU A 246 -11.96 -1.77 -10.25
N SER A 247 -11.99 -2.81 -11.09
CA SER A 247 -11.06 -3.94 -11.05
C SER A 247 -9.62 -3.49 -11.41
N GLN A 248 -9.46 -2.73 -12.49
CA GLN A 248 -8.17 -2.17 -12.91
C GLN A 248 -7.62 -1.23 -11.83
N GLN A 249 -8.51 -0.40 -11.24
CA GLN A 249 -8.21 0.58 -10.21
C GLN A 249 -7.70 -0.09 -8.92
N TRP A 250 -8.38 -1.15 -8.43
CA TRP A 250 -8.00 -1.82 -7.20
C TRP A 250 -7.03 -3.00 -7.31
N PHE A 251 -7.13 -3.81 -8.37
CA PHE A 251 -6.32 -5.02 -8.56
C PHE A 251 -5.15 -4.87 -9.55
N GLY A 252 -5.22 -3.85 -10.42
CA GLY A 252 -4.22 -3.62 -11.46
C GLY A 252 -4.44 -4.45 -12.72
N TYR A 253 -5.58 -5.13 -12.82
CA TYR A 253 -5.97 -5.93 -13.99
C TYR A 253 -7.49 -6.13 -14.03
N ASP A 254 -8.04 -6.59 -15.16
CA ASP A 254 -9.47 -6.82 -15.31
C ASP A 254 -9.86 -8.23 -14.87
N ALA A 255 -10.58 -8.33 -13.74
CA ALA A 255 -11.05 -9.60 -13.16
C ALA A 255 -12.60 -9.69 -13.23
N SER A 256 -13.23 -8.78 -14.01
CA SER A 256 -14.69 -8.75 -14.15
C SER A 256 -15.24 -9.97 -14.91
N PRO A 257 -16.48 -10.44 -14.60
CA PRO A 257 -17.03 -11.62 -15.31
C PRO A 257 -17.37 -11.33 -16.78
N TYR B 4 37.45 1.65 5.55
CA TYR B 4 36.12 1.16 5.90
C TYR B 4 35.89 -0.28 5.43
N LYS B 5 35.36 -1.13 6.32
CA LYS B 5 35.03 -2.53 6.06
C LYS B 5 33.51 -2.72 6.22
N SER B 6 32.93 -2.04 7.23
CA SER B 6 31.51 -2.10 7.54
C SER B 6 30.98 -0.78 8.07
N ILE B 7 29.75 -0.39 7.68
CA ILE B 7 29.09 0.81 8.18
C ILE B 7 27.66 0.52 8.62
N THR B 8 27.18 1.33 9.57
CA THR B 8 25.82 1.27 10.08
C THR B 8 25.09 2.49 9.55
N ILE B 9 23.98 2.28 8.85
CA ILE B 9 23.15 3.35 8.29
C ILE B 9 21.83 3.42 9.06
N ALA B 10 21.48 4.61 9.55
CA ALA B 10 20.22 4.79 10.25
C ALA B 10 19.11 5.27 9.33
N THR B 11 17.92 4.73 9.58
CA THR B 11 16.71 5.08 8.86
C THR B 11 15.57 5.16 9.88
N GLU B 12 14.51 5.89 9.51
CA GLU B 12 13.38 6.07 10.41
C GLU B 12 12.45 4.85 10.46
N GLY B 13 11.96 4.44 9.29
CA GLY B 13 11.03 3.31 9.15
C GLY B 13 9.57 3.72 9.18
N SER B 14 9.28 5.03 9.00
CA SER B 14 7.93 5.62 9.01
C SER B 14 7.72 6.64 7.88
N TYR B 15 8.44 6.49 6.76
CA TYR B 15 8.33 7.42 5.64
C TYR B 15 8.26 6.71 4.29
N ALA B 16 7.11 6.08 3.99
CA ALA B 16 6.90 5.37 2.73
C ALA B 16 6.85 6.35 1.55
N PRO B 17 7.44 6.01 0.38
CA PRO B 17 8.12 4.75 0.04
C PRO B 17 9.65 4.76 0.20
N TYR B 18 10.18 5.78 0.90
CA TYR B 18 11.61 5.93 1.13
C TYR B 18 12.15 4.88 2.10
N ASN B 19 11.50 4.80 3.29
CA ASN B 19 11.88 3.92 4.39
C ASN B 19 10.65 3.62 5.25
N PHE B 20 10.29 2.34 5.35
CA PHE B 20 9.13 1.89 6.13
C PHE B 20 9.27 0.42 6.47
N LYS B 21 8.25 -0.18 7.08
CA LYS B 21 8.28 -1.58 7.48
C LYS B 21 7.30 -2.44 6.68
N ASP B 22 7.74 -3.63 6.25
CA ASP B 22 6.88 -4.57 5.52
C ASP B 22 6.02 -5.37 6.52
N ALA B 23 5.24 -6.36 6.05
CA ALA B 23 4.38 -7.21 6.89
C ALA B 23 5.13 -8.01 7.98
N GLY B 24 6.39 -8.39 7.71
CA GLY B 24 7.25 -9.08 8.65
C GLY B 24 8.08 -8.17 9.56
N GLY B 25 7.82 -6.85 9.48
CA GLY B 25 8.47 -5.82 10.28
C GLY B 25 9.87 -5.42 9.84
N LYS B 26 10.28 -5.87 8.64
CA LYS B 26 11.61 -5.59 8.07
C LYS B 26 11.64 -4.21 7.42
N LEU B 27 12.77 -3.47 7.59
CA LEU B 27 12.99 -2.15 6.98
C LEU B 27 13.12 -2.33 5.46
N ILE B 28 12.29 -1.62 4.71
CA ILE B 28 12.20 -1.67 3.24
C ILE B 28 12.07 -0.25 2.72
N GLY B 29 12.19 -0.11 1.40
CA GLY B 29 12.05 1.18 0.75
C GLY B 29 13.21 1.55 -0.14
N PHE B 30 13.03 2.69 -0.83
CA PHE B 30 14.01 3.29 -1.74
C PHE B 30 15.37 3.48 -1.05
N ASP B 31 15.39 4.07 0.16
CA ASP B 31 16.63 4.34 0.93
C ASP B 31 17.38 3.07 1.29
N ILE B 32 16.64 1.99 1.60
CA ILE B 32 17.19 0.68 1.95
C ILE B 32 17.84 0.04 0.73
N ASP B 33 17.12 0.01 -0.42
CA ASP B 33 17.60 -0.54 -1.68
C ASP B 33 18.80 0.27 -2.19
N LEU B 34 18.70 1.63 -2.16
CA LEU B 34 19.80 2.47 -2.62
C LEU B 34 21.03 2.31 -1.73
N GLY B 35 20.83 2.39 -0.42
CA GLY B 35 21.88 2.21 0.59
C GLY B 35 22.68 0.93 0.40
N ASN B 36 21.98 -0.22 0.26
CA ASN B 36 22.59 -1.53 0.02
C ASN B 36 23.38 -1.56 -1.30
N ASP B 37 22.82 -0.96 -2.37
CA ASP B 37 23.44 -0.86 -3.68
C ASP B 37 24.73 -0.02 -3.61
N LEU B 38 24.67 1.15 -2.94
CA LEU B 38 25.80 2.05 -2.76
C LEU B 38 26.95 1.37 -2.02
N CYS B 39 26.62 0.62 -0.94
CA CYS B 39 27.60 -0.12 -0.12
C CYS B 39 28.28 -1.24 -0.88
N LYS B 40 27.56 -1.91 -1.80
CA LYS B 40 28.12 -2.96 -2.67
C LYS B 40 29.19 -2.33 -3.59
N ARG B 41 28.89 -1.12 -4.14
CA ARG B 41 29.79 -0.34 -5.00
C ARG B 41 31.03 0.10 -4.24
N MET B 42 30.86 0.43 -2.94
CA MET B 42 31.91 0.88 -2.05
C MET B 42 32.77 -0.27 -1.53
N ASN B 43 32.26 -1.53 -1.70
CA ASN B 43 32.88 -2.78 -1.22
C ASN B 43 32.96 -2.79 0.32
N ILE B 44 31.87 -2.35 0.96
CA ILE B 44 31.72 -2.30 2.41
C ILE B 44 30.38 -2.94 2.78
N GLU B 45 30.35 -3.65 3.91
CA GLU B 45 29.13 -4.29 4.42
C GLU B 45 28.30 -3.22 5.12
N CYS B 46 26.97 -3.28 4.98
CA CYS B 46 26.12 -2.32 5.65
C CYS B 46 24.99 -2.93 6.45
N LYS B 47 24.70 -2.31 7.59
CA LYS B 47 23.64 -2.73 8.49
C LYS B 47 22.66 -1.56 8.62
N PHE B 48 21.39 -1.82 8.31
CA PHE B 48 20.38 -0.78 8.44
C PHE B 48 19.77 -0.88 9.82
N VAL B 49 19.76 0.26 10.54
CA VAL B 49 19.20 0.34 11.89
C VAL B 49 18.01 1.31 11.92
N GLU B 50 17.07 1.03 12.81
CA GLU B 50 15.89 1.85 13.02
C GLU B 50 16.20 2.92 14.08
N GLN B 51 15.84 4.17 13.75
CA GLN B 51 16.07 5.34 14.59
C GLN B 51 14.93 6.32 14.39
N ALA B 52 14.32 6.77 15.50
CA ALA B 52 13.24 7.76 15.45
C ALA B 52 13.79 9.06 14.87
N TRP B 53 13.01 9.73 14.01
CA TRP B 53 13.36 10.99 13.34
C TRP B 53 13.83 12.04 14.33
N ASP B 54 13.20 12.09 15.53
CA ASP B 54 13.52 13.02 16.60
C ASP B 54 14.99 13.12 16.99
N GLY B 55 15.67 11.99 17.19
CA GLY B 55 17.08 12.02 17.57
C GLY B 55 18.04 11.43 16.55
N ILE B 56 17.68 11.53 15.25
CA ILE B 56 18.45 10.97 14.14
C ILE B 56 19.80 11.69 13.92
N ILE B 57 19.80 13.04 13.95
CA ILE B 57 21.01 13.83 13.77
C ILE B 57 21.96 13.73 14.97
N PRO B 58 21.52 14.00 16.24
CA PRO B 58 22.45 13.87 17.38
C PRO B 58 23.03 12.46 17.59
N SER B 59 22.28 11.40 17.21
CA SER B 59 22.78 10.03 17.31
C SER B 59 23.86 9.75 16.25
N LEU B 60 23.85 10.49 15.13
CA LEU B 60 24.90 10.38 14.12
C LEU B 60 26.17 11.06 14.66
N THR B 61 26.04 12.29 15.20
CA THR B 61 27.16 13.05 15.74
C THR B 61 27.77 12.42 16.99
N ALA B 62 26.97 11.64 17.74
CA ALA B 62 27.45 10.94 18.94
C ALA B 62 28.09 9.57 18.61
N GLY B 63 28.07 9.19 17.33
CA GLY B 63 28.67 7.95 16.86
C GLY B 63 27.89 6.67 17.09
N ARG B 64 26.55 6.73 17.17
CA ARG B 64 25.72 5.54 17.34
C ARG B 64 25.69 4.74 16.03
N TYR B 65 25.90 5.44 14.91
CA TYR B 65 25.97 4.89 13.55
C TYR B 65 26.81 5.82 12.65
N ASP B 66 27.03 5.41 11.38
CA ASP B 66 27.91 6.13 10.44
C ASP B 66 27.27 7.03 9.40
N ALA B 67 25.98 6.79 9.09
CA ALA B 67 25.29 7.54 8.06
C ALA B 67 23.78 7.55 8.25
N ILE B 68 23.11 8.56 7.64
CA ILE B 68 21.66 8.68 7.65
C ILE B 68 21.13 8.57 6.24
N MET B 69 20.19 7.64 6.02
CA MET B 69 19.46 7.52 4.75
C MET B 69 18.02 7.40 5.16
N ALA B 70 17.36 8.56 5.31
CA ALA B 70 15.99 8.64 5.83
C ALA B 70 15.19 9.78 5.19
N ALA B 71 15.19 9.86 3.83
CA ALA B 71 14.48 10.91 3.07
C ALA B 71 14.91 12.32 3.53
N MET B 72 16.17 12.45 3.96
CA MET B 72 16.68 13.70 4.49
C MET B 72 17.17 14.68 3.44
N GLY B 73 16.49 15.81 3.36
CA GLY B 73 16.86 16.89 2.45
C GLY B 73 18.15 17.57 2.88
N ILE B 74 18.96 18.02 1.89
CA ILE B 74 20.19 18.77 2.17
C ILE B 74 19.75 20.21 2.52
N GLN B 75 19.23 20.36 3.76
CA GLN B 75 18.64 21.56 4.36
C GLN B 75 19.69 22.51 4.95
N PRO B 76 19.50 23.86 4.81
CA PRO B 76 20.51 24.82 5.34
C PRO B 76 20.87 24.72 6.82
N ALA B 77 19.85 24.50 7.68
CA ALA B 77 19.99 24.34 9.14
C ALA B 77 20.81 23.09 9.49
N ARG B 78 20.48 21.95 8.85
CA ARG B 78 21.15 20.65 9.02
C ARG B 78 22.62 20.71 8.64
N GLU B 79 22.93 21.41 7.53
CA GLU B 79 24.28 21.59 7.00
C GLU B 79 25.28 22.26 7.97
N LYS B 80 24.78 22.94 9.02
CA LYS B 80 25.56 23.60 10.07
C LYS B 80 25.96 22.59 11.17
N VAL B 81 25.33 21.39 11.16
CA VAL B 81 25.56 20.33 12.13
C VAL B 81 26.27 19.10 11.51
N ILE B 82 25.82 18.67 10.33
CA ILE B 82 26.36 17.49 9.64
C ILE B 82 26.74 17.80 8.19
N ALA B 83 27.42 16.86 7.54
CA ALA B 83 27.77 16.92 6.12
C ALA B 83 26.77 16.08 5.31
N PHE B 84 26.71 16.37 4.01
CA PHE B 84 25.87 15.66 3.06
C PHE B 84 26.63 15.18 1.84
N SER B 85 26.20 14.03 1.32
CA SER B 85 26.72 13.50 0.07
C SER B 85 26.06 14.34 -1.03
N ARG B 86 26.47 14.18 -2.29
CA ARG B 86 25.77 14.86 -3.37
C ARG B 86 24.30 14.28 -3.41
N PRO B 87 23.27 15.02 -3.86
CA PRO B 87 21.92 14.44 -3.79
C PRO B 87 21.71 13.15 -4.60
N TYR B 88 20.91 12.23 -4.04
CA TYR B 88 20.58 11.00 -4.74
C TYR B 88 19.17 11.03 -5.30
N LEU B 89 18.39 12.06 -4.95
CA LEU B 89 17.03 12.27 -5.44
C LEU B 89 16.73 13.78 -5.35
N LEU B 90 15.94 14.29 -6.31
CA LEU B 90 15.51 15.70 -6.37
C LEU B 90 14.00 15.74 -6.51
N THR B 91 13.31 16.54 -5.67
CA THR B 91 11.85 16.63 -5.65
C THR B 91 11.29 18.00 -5.19
N PRO B 92 10.21 18.54 -5.84
CA PRO B 92 9.58 19.76 -5.31
C PRO B 92 8.69 19.41 -4.10
N ASN B 93 8.13 20.43 -3.44
CA ASN B 93 7.28 20.30 -2.25
C ASN B 93 5.95 20.96 -2.52
N THR B 94 4.87 20.32 -2.07
CA THR B 94 3.53 20.86 -2.31
C THR B 94 2.56 20.60 -1.14
N PHE B 95 1.31 21.12 -1.27
CA PHE B 95 0.29 20.98 -0.23
C PHE B 95 -0.60 19.77 -0.44
N LEU B 96 -1.22 19.30 0.66
CA LEU B 96 -2.12 18.15 0.67
C LEU B 96 -3.40 18.48 1.43
N THR B 97 -4.53 18.04 0.90
CA THR B 97 -5.85 18.21 1.52
C THR B 97 -6.77 17.06 1.09
N THR B 98 -8.06 17.13 1.43
CA THR B 98 -9.05 16.12 1.06
C THR B 98 -9.67 16.48 -0.28
N ALA B 99 -10.19 15.48 -1.01
CA ALA B 99 -10.81 15.63 -2.33
C ALA B 99 -12.03 16.56 -2.37
N ASP B 100 -12.70 16.77 -1.21
CA ASP B 100 -13.88 17.62 -1.09
C ASP B 100 -13.57 19.03 -0.54
N SER B 101 -12.29 19.36 -0.39
CA SER B 101 -11.89 20.64 0.18
C SER B 101 -12.02 21.84 -0.77
N PRO B 102 -12.63 22.96 -0.29
CA PRO B 102 -12.69 24.18 -1.12
C PRO B 102 -11.31 24.79 -1.46
N LEU B 103 -10.24 24.35 -0.74
CA LEU B 103 -8.86 24.78 -1.00
C LEU B 103 -8.41 24.39 -2.42
N LEU B 104 -9.04 23.33 -2.96
CA LEU B 104 -8.79 22.80 -4.30
C LEU B 104 -9.27 23.74 -5.41
N LYS B 105 -10.19 24.68 -5.09
CA LYS B 105 -10.71 25.67 -6.03
C LYS B 105 -9.76 26.87 -6.19
N THR B 106 -8.73 26.98 -5.31
CA THR B 106 -7.73 28.06 -5.35
C THR B 106 -6.91 27.96 -6.62
N GLN B 107 -6.96 29.01 -7.45
CA GLN B 107 -6.18 29.06 -8.69
C GLN B 107 -4.70 29.31 -8.40
N VAL B 108 -3.83 28.49 -9.02
CA VAL B 108 -2.38 28.55 -8.89
C VAL B 108 -1.87 29.35 -10.09
N ALA B 109 -1.34 30.56 -9.82
CA ALA B 109 -0.82 31.44 -10.87
C ALA B 109 0.57 31.01 -11.33
N ILE B 110 1.36 30.42 -10.41
CA ILE B 110 2.71 29.92 -10.69
C ILE B 110 2.79 28.46 -10.25
N GLU B 111 2.90 27.54 -11.23
CA GLU B 111 2.95 26.10 -10.96
C GLU B 111 4.27 25.65 -10.29
N ASN B 112 5.42 26.11 -10.79
CA ASN B 112 6.74 25.74 -10.29
C ASN B 112 7.41 26.94 -9.64
N LEU B 113 7.41 26.94 -8.30
CA LEU B 113 7.87 28.03 -7.46
C LEU B 113 9.27 27.86 -6.80
N PRO B 114 10.38 28.39 -7.40
CA PRO B 114 11.68 28.31 -6.69
C PRO B 114 11.76 29.38 -5.58
N LEU B 115 12.34 29.05 -4.40
CA LEU B 115 12.38 29.92 -3.22
C LEU B 115 13.72 30.56 -2.89
N ASP B 116 14.71 30.36 -3.76
CA ASP B 116 16.06 30.89 -3.63
C ASP B 116 16.13 32.41 -3.81
N ASN B 117 15.30 32.96 -4.71
CA ASN B 117 15.26 34.40 -4.98
C ASN B 117 13.83 34.86 -5.28
N ILE B 118 12.98 34.86 -4.22
CA ILE B 118 11.56 35.21 -4.25
C ILE B 118 11.27 36.60 -4.85
N THR B 119 10.62 36.62 -6.02
CA THR B 119 10.26 37.87 -6.72
C THR B 119 8.95 38.42 -6.14
N PRO B 120 8.53 39.68 -6.42
CA PRO B 120 7.24 40.15 -5.90
C PRO B 120 6.07 39.28 -6.37
N GLU B 121 6.19 38.68 -7.57
CA GLU B 121 5.19 37.79 -8.18
C GLU B 121 5.07 36.50 -7.38
N GLN B 122 6.23 35.93 -7.02
CA GLN B 122 6.31 34.71 -6.24
C GLN B 122 5.83 34.96 -4.80
N LYS B 123 6.18 36.14 -4.21
CA LYS B 123 5.72 36.52 -2.87
C LYS B 123 4.18 36.65 -2.82
N ALA B 124 3.56 37.33 -3.80
CA ALA B 124 2.10 37.49 -3.89
C ALA B 124 1.34 36.15 -3.90
N GLU B 125 1.89 35.13 -4.59
CA GLU B 125 1.28 33.79 -4.63
C GLU B 125 1.38 33.06 -3.29
N LEU B 126 2.53 33.22 -2.58
CA LEU B 126 2.77 32.65 -1.25
C LEU B 126 1.82 33.27 -0.22
N ASP B 127 1.69 34.60 -0.22
CA ASP B 127 0.80 35.36 0.67
C ASP B 127 -0.66 34.96 0.44
N LYS B 128 -1.04 34.76 -0.84
CA LYS B 128 -2.39 34.34 -1.25
C LYS B 128 -2.74 33.02 -0.53
N PHE B 129 -1.83 32.02 -0.62
CA PHE B 129 -1.98 30.72 0.02
C PHE B 129 -1.96 30.80 1.54
N THR B 130 -1.10 31.68 2.11
CA THR B 130 -1.02 31.91 3.56
C THR B 130 -2.41 32.33 4.09
N LYS B 131 -3.08 33.27 3.37
CA LYS B 131 -4.39 33.81 3.70
C LYS B 131 -5.50 32.77 3.70
N ILE B 132 -5.46 31.80 2.77
CA ILE B 132 -6.47 30.73 2.72
C ILE B 132 -6.18 29.67 3.80
N PHE B 133 -4.92 29.60 4.29
CA PHE B 133 -4.46 28.66 5.32
C PHE B 133 -4.75 29.13 6.76
N GLU B 134 -5.18 30.39 6.91
CA GLU B 134 -5.60 30.98 8.19
C GLU B 134 -7.04 30.49 8.40
N GLY B 135 -7.33 29.96 9.58
CA GLY B 135 -8.60 29.31 9.89
C GLY B 135 -8.61 27.85 9.47
N VAL B 136 -7.51 27.39 8.83
CA VAL B 136 -7.29 26.05 8.36
C VAL B 136 -6.35 25.34 9.34
N LYS B 137 -6.81 24.18 9.88
CA LYS B 137 -6.03 23.33 10.80
C LYS B 137 -4.95 22.69 9.94
N PHE B 138 -3.68 22.94 10.25
CA PHE B 138 -2.57 22.43 9.45
C PHE B 138 -1.70 21.49 10.28
N GLY B 139 -1.21 20.43 9.63
CA GLY B 139 -0.38 19.42 10.28
C GLY B 139 0.86 19.10 9.47
N VAL B 140 2.02 19.02 10.12
CA VAL B 140 3.31 18.66 9.49
C VAL B 140 4.10 17.78 10.45
N GLN B 141 5.09 17.01 9.95
CA GLN B 141 5.94 16.22 10.83
C GLN B 141 6.95 17.21 11.46
N ALA B 142 7.27 17.01 12.74
CA ALA B 142 8.24 17.82 13.47
C ALA B 142 9.65 17.58 12.93
N GLY B 143 10.48 18.64 12.97
CA GLY B 143 11.88 18.63 12.54
C GLY B 143 12.11 18.48 11.05
N THR B 144 11.13 18.91 10.25
CA THR B 144 11.22 18.80 8.79
C THR B 144 11.39 20.18 8.15
N SER B 145 11.72 20.19 6.85
CA SER B 145 11.81 21.41 6.04
C SER B 145 10.40 22.03 5.94
N HIS B 146 9.35 21.18 6.09
CA HIS B 146 7.94 21.56 6.05
C HIS B 146 7.52 22.38 7.25
N GLU B 147 8.01 22.00 8.44
CA GLU B 147 7.78 22.73 9.68
C GLU B 147 8.54 24.07 9.59
N ALA B 148 9.80 24.03 9.10
CA ALA B 148 10.64 25.24 8.93
C ALA B 148 9.96 26.23 7.97
N PHE B 149 9.45 25.73 6.81
CA PHE B 149 8.73 26.53 5.82
C PHE B 149 7.51 27.17 6.47
N MET B 150 6.66 26.38 7.14
CA MET B 150 5.45 26.87 7.77
C MET B 150 5.69 27.93 8.84
N LYS B 151 6.68 27.73 9.70
CA LYS B 151 6.99 28.67 10.78
C LYS B 151 7.64 29.96 10.29
N GLN B 152 8.43 29.88 9.21
CA GLN B 152 9.13 31.02 8.63
C GLN B 152 8.36 31.74 7.51
N MET B 153 7.77 31.00 6.58
CA MET B 153 7.10 31.57 5.43
C MET B 153 5.63 31.88 5.64
N MET B 154 4.95 31.09 6.50
CA MET B 154 3.53 31.24 6.81
C MET B 154 3.31 31.28 8.35
N PRO B 155 3.99 32.20 9.10
CA PRO B 155 3.88 32.18 10.58
C PRO B 155 2.49 32.39 11.17
N SER B 156 1.62 33.11 10.46
CA SER B 156 0.23 33.40 10.87
C SER B 156 -0.66 32.15 10.84
N VAL B 157 -0.18 31.06 10.21
CA VAL B 157 -0.91 29.79 10.08
C VAL B 157 -0.68 28.92 11.35
N GLN B 158 -1.77 28.50 12.03
CA GLN B 158 -1.71 27.68 13.26
C GLN B 158 -1.46 26.20 12.95
N ILE B 159 -0.19 25.78 13.01
CA ILE B 159 0.26 24.43 12.68
C ILE B 159 0.47 23.51 13.90
N SER B 160 0.21 22.21 13.71
CA SER B 160 0.41 21.15 14.70
C SER B 160 1.54 20.30 14.18
N THR B 161 2.51 19.99 15.03
CA THR B 161 3.63 19.15 14.63
C THR B 161 3.46 17.74 15.18
N TYR B 162 3.83 16.74 14.39
CA TYR B 162 3.67 15.31 14.71
C TYR B 162 4.98 14.59 14.73
N ASP B 163 5.01 13.46 15.47
CA ASP B 163 6.18 12.59 15.59
C ASP B 163 6.48 11.87 14.26
N THR B 164 5.41 11.44 13.53
CA THR B 164 5.52 10.75 12.23
C THR B 164 4.54 11.35 11.21
N ILE B 165 4.86 11.17 9.91
CA ILE B 165 4.00 11.59 8.78
C ILE B 165 2.74 10.73 8.70
N ASP B 166 2.81 9.46 9.18
CA ASP B 166 1.69 8.51 9.22
C ASP B 166 0.56 9.04 10.11
N ASN B 167 0.92 9.64 11.26
CA ASN B 167 0.01 10.26 12.22
C ASN B 167 -0.59 11.55 11.69
N VAL B 168 0.17 12.30 10.85
CA VAL B 168 -0.30 13.52 10.17
C VAL B 168 -1.43 13.05 9.24
N VAL B 169 -1.11 12.09 8.32
CA VAL B 169 -2.02 11.52 7.32
C VAL B 169 -3.25 10.95 7.99
N MET B 170 -3.08 10.19 9.10
CA MET B 170 -4.17 9.62 9.90
C MET B 170 -5.14 10.73 10.32
N ASP B 171 -4.59 11.83 10.88
CA ASP B 171 -5.39 12.99 11.31
C ASP B 171 -6.12 13.70 10.16
N LEU B 172 -5.49 13.77 8.94
CA LEU B 172 -6.11 14.40 7.77
C LEU B 172 -7.32 13.58 7.26
N LYS B 173 -7.18 12.25 7.16
CA LYS B 173 -8.25 11.35 6.75
C LYS B 173 -9.38 11.36 7.78
N ALA B 174 -9.04 11.44 9.09
CA ALA B 174 -10.00 11.49 10.19
C ALA B 174 -10.71 12.84 10.33
N GLY B 175 -10.17 13.88 9.70
CA GLY B 175 -10.74 15.23 9.75
C GLY B 175 -10.31 16.06 10.94
N ARG B 176 -9.21 15.64 11.62
CA ARG B 176 -8.64 16.35 12.79
C ARG B 176 -7.83 17.57 12.36
N ILE B 177 -7.26 17.51 11.15
CA ILE B 177 -6.52 18.60 10.48
C ILE B 177 -7.12 18.81 9.09
N ASP B 178 -6.91 19.98 8.49
CA ASP B 178 -7.49 20.31 7.18
C ASP B 178 -6.52 20.20 6.03
N ALA B 179 -5.22 20.36 6.29
CA ALA B 179 -4.19 20.32 5.24
C ALA B 179 -2.81 19.97 5.77
N SER B 180 -1.91 19.61 4.86
CA SER B 180 -0.51 19.30 5.18
C SER B 180 0.40 19.81 4.07
N LEU B 181 1.71 19.59 4.25
CA LEU B 181 2.79 19.95 3.34
C LEU B 181 3.88 18.90 3.45
N ALA B 182 4.35 18.38 2.29
CA ALA B 182 5.42 17.39 2.15
C ALA B 182 5.92 17.45 0.69
N SER B 183 6.98 16.68 0.34
CA SER B 183 7.47 16.66 -1.04
C SER B 183 6.54 15.88 -1.95
N VAL B 184 6.65 16.13 -3.28
CA VAL B 184 5.95 15.40 -4.32
C VAL B 184 6.34 13.92 -4.28
N SER B 185 7.63 13.60 -3.98
CA SER B 185 8.11 12.21 -3.86
C SER B 185 7.37 11.43 -2.76
N PHE B 186 6.87 12.13 -1.71
CA PHE B 186 6.05 11.48 -0.67
C PHE B 186 4.55 11.49 -1.07
N LEU B 187 4.05 12.66 -1.51
CA LEU B 187 2.64 12.88 -1.83
C LEU B 187 2.11 12.21 -3.05
N LYS B 188 2.92 12.10 -4.12
CA LYS B 188 2.50 11.43 -5.36
C LYS B 188 2.22 9.92 -5.13
N PRO B 189 3.15 9.07 -4.60
CA PRO B 189 2.79 7.66 -4.36
C PRO B 189 1.61 7.50 -3.39
N LEU B 190 1.49 8.43 -2.41
CA LEU B 190 0.38 8.44 -1.44
C LEU B 190 -0.97 8.66 -2.17
N THR B 191 -1.07 9.73 -3.00
CA THR B 191 -2.28 10.10 -3.75
C THR B 191 -2.55 9.23 -4.99
N ASP B 192 -1.56 8.44 -5.45
CA ASP B 192 -1.72 7.51 -6.59
C ASP B 192 -2.44 6.25 -6.13
N LYS B 193 -2.34 5.93 -4.83
CA LYS B 193 -2.96 4.74 -4.23
C LYS B 193 -4.48 4.86 -4.33
N PRO B 194 -5.21 3.82 -4.76
CA PRO B 194 -6.68 3.93 -4.79
C PRO B 194 -7.26 4.17 -3.39
N ASP B 195 -6.50 3.76 -2.35
CA ASP B 195 -6.73 3.93 -0.91
C ASP B 195 -6.92 5.43 -0.56
N ASN B 196 -6.14 6.31 -1.23
CA ASN B 196 -6.14 7.75 -1.00
C ASN B 196 -6.70 8.61 -2.13
N LYS B 197 -7.71 8.12 -2.86
CA LYS B 197 -8.33 8.93 -3.92
C LYS B 197 -9.22 10.07 -3.35
N ASP B 198 -9.40 10.09 -2.01
CA ASP B 198 -10.09 11.10 -1.23
C ASP B 198 -9.06 12.19 -0.75
N LEU B 199 -7.78 12.06 -1.17
CA LEU B 199 -6.71 13.00 -0.86
C LEU B 199 -6.23 13.59 -2.17
N LYS B 200 -5.88 14.89 -2.16
CA LYS B 200 -5.39 15.57 -3.35
C LYS B 200 -4.27 16.52 -3.03
N MET B 201 -3.27 16.57 -3.94
CA MET B 201 -2.16 17.51 -3.88
C MET B 201 -2.71 18.82 -4.48
N PHE B 202 -2.28 19.97 -3.96
CA PHE B 202 -2.69 21.26 -4.51
C PHE B 202 -1.63 22.31 -4.24
N GLY B 203 -1.72 23.43 -4.97
CA GLY B 203 -0.84 24.56 -4.82
C GLY B 203 0.41 24.53 -5.67
N PRO B 204 1.33 25.49 -5.45
CA PRO B 204 2.56 25.50 -6.23
C PRO B 204 3.49 24.34 -5.82
N ARG B 205 4.41 23.97 -6.74
CA ARG B 205 5.43 22.92 -6.58
C ARG B 205 6.73 23.67 -6.26
N MET B 206 7.02 23.82 -4.94
CA MET B 206 8.12 24.62 -4.42
C MET B 206 9.44 23.91 -4.28
N THR B 207 10.55 24.61 -4.62
CA THR B 207 11.93 24.10 -4.54
C THR B 207 12.82 25.16 -3.93
N GLY B 208 13.99 24.74 -3.45
CA GLY B 208 15.00 25.63 -2.88
C GLY B 208 14.60 26.28 -1.57
N GLY B 209 15.36 27.31 -1.18
CA GLY B 209 15.15 28.03 0.05
C GLY B 209 15.29 27.08 1.24
N LEU B 210 14.29 27.08 2.12
CA LEU B 210 14.20 26.21 3.30
C LEU B 210 14.09 24.73 2.95
N PHE B 211 13.63 24.40 1.73
CA PHE B 211 13.50 23.02 1.28
C PHE B 211 14.85 22.35 0.93
N GLY B 212 15.88 23.16 0.70
CA GLY B 212 17.21 22.66 0.40
C GLY B 212 17.52 22.26 -1.03
N LYS B 213 18.62 21.50 -1.20
CA LYS B 213 19.25 21.07 -2.46
C LYS B 213 19.02 19.60 -2.90
N GLY B 214 18.04 18.92 -2.32
CA GLY B 214 17.75 17.53 -2.67
C GLY B 214 17.94 16.58 -1.51
N VAL B 215 17.70 15.27 -1.74
CA VAL B 215 17.84 14.24 -0.71
C VAL B 215 19.25 13.66 -0.76
N GLY B 216 19.94 13.66 0.39
CA GLY B 216 21.31 13.17 0.51
C GLY B 216 21.56 12.30 1.72
N VAL B 217 22.74 11.67 1.74
CA VAL B 217 23.21 10.85 2.86
C VAL B 217 23.82 11.80 3.92
N GLY B 218 23.35 11.69 5.15
CA GLY B 218 23.85 12.45 6.29
C GLY B 218 25.09 11.75 6.81
N ILE B 219 26.21 12.49 6.90
CA ILE B 219 27.52 11.97 7.33
C ILE B 219 28.13 13.01 8.30
N ARG B 220 28.94 12.56 9.28
CA ARG B 220 29.61 13.50 10.18
C ARG B 220 30.57 14.37 9.37
N LYS B 221 30.68 15.65 9.71
CA LYS B 221 31.55 16.61 9.01
C LYS B 221 33.01 16.12 8.88
N GLU B 222 33.56 15.50 9.96
CA GLU B 222 34.93 15.00 9.99
C GLU B 222 35.16 13.72 9.16
N ASP B 223 34.07 13.05 8.73
CA ASP B 223 34.14 11.85 7.90
C ASP B 223 34.16 12.17 6.41
N ALA B 224 35.21 12.89 5.97
CA ALA B 224 35.45 13.32 4.60
C ALA B 224 35.64 12.15 3.62
N ASP B 225 36.36 11.09 4.05
CA ASP B 225 36.62 9.90 3.24
C ASP B 225 35.34 9.11 2.97
N LEU B 226 34.45 9.02 3.97
CA LEU B 226 33.15 8.36 3.84
C LEU B 226 32.26 9.13 2.86
N LYS B 227 32.25 10.49 2.96
CA LYS B 227 31.50 11.37 2.05
C LYS B 227 31.96 11.17 0.60
N ALA B 228 33.30 11.23 0.37
CA ALA B 228 33.96 11.01 -0.93
C ALA B 228 33.59 9.66 -1.53
N LEU B 229 33.50 8.59 -0.69
CA LEU B 229 33.11 7.24 -1.08
C LEU B 229 31.65 7.22 -1.52
N PHE B 230 30.75 7.85 -0.73
CA PHE B 230 29.32 7.96 -1.04
C PHE B 230 29.10 8.75 -2.33
N ASP B 231 29.82 9.87 -2.52
CA ASP B 231 29.72 10.67 -3.74
C ASP B 231 30.07 9.89 -5.01
N LYS B 232 31.17 9.10 -4.96
CA LYS B 232 31.63 8.25 -6.05
C LYS B 232 30.54 7.24 -6.40
N ALA B 233 30.01 6.53 -5.37
CA ALA B 233 28.97 5.52 -5.48
C ALA B 233 27.66 6.10 -6.01
N ILE B 234 27.24 7.27 -5.50
CA ILE B 234 26.01 7.94 -5.95
C ILE B 234 26.13 8.37 -7.41
N ASP B 235 27.27 8.99 -7.79
CA ASP B 235 27.55 9.41 -9.17
C ASP B 235 27.39 8.24 -10.13
N ALA B 236 27.95 7.07 -9.77
CA ALA B 236 27.89 5.85 -10.59
C ALA B 236 26.48 5.23 -10.65
N ALA B 237 25.74 5.24 -9.51
CA ALA B 237 24.38 4.71 -9.43
C ALA B 237 23.41 5.54 -10.28
N ILE B 238 23.64 6.86 -10.36
CA ILE B 238 22.86 7.80 -11.18
C ILE B 238 23.20 7.53 -12.65
N ALA B 239 24.51 7.50 -12.98
CA ALA B 239 25.03 7.28 -14.34
C ALA B 239 24.54 5.98 -15.02
N ASP B 240 24.47 4.86 -14.29
CA ASP B 240 24.05 3.58 -14.86
C ASP B 240 22.52 3.30 -14.83
N GLY B 241 21.74 4.24 -14.30
CA GLY B 241 20.29 4.13 -14.27
C GLY B 241 19.71 3.44 -13.06
N THR B 242 20.55 3.01 -12.08
CA THR B 242 20.07 2.38 -10.84
C THR B 242 19.15 3.32 -10.03
N VAL B 243 19.50 4.61 -9.90
CA VAL B 243 18.67 5.57 -9.15
C VAL B 243 17.29 5.75 -9.82
N GLN B 244 17.28 5.82 -11.17
CA GLN B 244 16.08 5.96 -12.00
C GLN B 244 15.19 4.70 -11.86
N LYS B 245 15.80 3.50 -11.97
CA LYS B 245 15.09 2.23 -11.85
C LYS B 245 14.41 2.10 -10.48
N LEU B 246 15.18 2.33 -9.39
CA LEU B 246 14.67 2.26 -8.03
C LEU B 246 13.61 3.34 -7.76
N SER B 247 13.73 4.52 -8.39
CA SER B 247 12.77 5.63 -8.28
C SER B 247 11.40 5.26 -8.92
N GLN B 248 11.42 4.69 -10.13
CA GLN B 248 10.23 4.23 -10.83
C GLN B 248 9.54 3.12 -10.02
N GLN B 249 10.35 2.20 -9.48
CA GLN B 249 9.91 1.05 -8.68
C GLN B 249 9.22 1.49 -7.38
N TRP B 250 9.81 2.45 -6.62
CA TRP B 250 9.26 2.92 -5.36
C TRP B 250 8.28 4.09 -5.41
N PHE B 251 8.52 5.07 -6.28
CA PHE B 251 7.69 6.29 -6.39
C PHE B 251 6.69 6.32 -7.55
N GLY B 252 6.90 5.47 -8.56
CA GLY B 252 6.06 5.42 -9.75
C GLY B 252 6.45 6.45 -10.80
N TYR B 253 7.58 7.13 -10.62
CA TYR B 253 8.11 8.13 -11.55
C TYR B 253 9.61 8.33 -11.33
N ASP B 254 10.30 8.96 -12.29
CA ASP B 254 11.75 9.21 -12.18
C ASP B 254 12.02 10.53 -11.44
N ALA B 255 12.55 10.44 -10.21
CA ALA B 255 12.91 11.59 -9.37
C ALA B 255 14.44 11.69 -9.20
N SER B 256 15.20 10.92 -10.01
CA SER B 256 16.66 10.90 -9.93
C SER B 256 17.29 12.23 -10.40
N PRO B 257 18.45 12.64 -9.84
CA PRO B 257 19.09 13.90 -10.29
C PRO B 257 19.67 13.78 -11.72
N LYS B 258 19.50 14.82 -12.56
CA LYS B 258 20.01 14.74 -13.94
C LYS B 258 21.46 15.18 -14.07
#